data_8Z4S
#
_entry.id   8Z4S
#
_cell.length_a   119.831
_cell.length_b   119.831
_cell.length_c   92.889
_cell.angle_alpha   90.00
_cell.angle_beta   90.00
_cell.angle_gamma   120.00
#
_symmetry.space_group_name_H-M   'P 62'
#
loop_
_entity.id
_entity.type
_entity.pdbx_description
1 polymer 'Hydroquinone Dioxygenase PaD'
2 non-polymer 2,3,5-trimethylbenzene-1,4-diol
3 non-polymer 'FE (III) ION'
4 non-polymer 'ACETATE ION'
5 non-polymer DI(HYDROXYETHYL)ETHER
6 non-polymer 'FORMIC ACID'
7 non-polymer GLYCEROL
8 water water
#
_entity_poly.entity_id   1
_entity_poly.type   'polypeptide(L)'
_entity_poly.pdbx_seq_one_letter_code
;MALELASTSEFRFDPERTPGLRHAKNLTDESTRELERVLEENHSNHHIFTTTEDHKGVYFHNHIAHHDITIWALGANPST
IRSQHDRNSLYQRQAMVIQDSVVKDMADPAVYKRCLGREENFLNYCRFFEDEINRIGYQAVLQKYLVDGSEIADDMLCRI
YMGYVHGIIHIGMALEFKQARLLAEGFAQAAVHHDWWYTEYLTQSEELARKQEEPALPLSDLIDLARQDDAIRNCSTLYY
HLQKRKVTGEMCLDLEPARDGVLKNAGPELRRVAARYRVDPNDLERATAELQNAAVYLTAGAQRPPHICAFDFFLLHSVT
SSIGHTMFLAEPSLSNAQKARLLEYTGRVFLLSYAGQGSPEPRLDWLASHPSRLPNQGWDEVFDRACYHEDDGHMC
(KCX)LIRCMAHAEETSRPYDHLPEFRVKQGLFLTAGIAAIDSGTDKPMDGTKHFDFIRGSGFKEAWERFPLRTGGLVNK
L
;
_entity_poly.pdbx_strand_id   A
#
loop_
_chem_comp.id
_chem_comp.type
_chem_comp.name
_chem_comp.formula
A1D7Z non-polymer 2,3,5-trimethylbenzene-1,4-diol 'C9 H12 O2'
ACT non-polymer 'ACETATE ION' 'C2 H3 O2 -1'
FE non-polymer 'FE (III) ION' 'Fe 3'
FMT non-polymer 'FORMIC ACID' 'C H2 O2'
GOL non-polymer GLYCEROL 'C3 H8 O3'
PEG non-polymer DI(HYDROXYETHYL)ETHER 'C4 H10 O3'
#
# COMPACT_ATOMS: atom_id res chain seq x y z
N GLU A 4 4.86 -12.12 21.46
CA GLU A 4 4.93 -11.69 20.04
C GLU A 4 4.84 -10.15 19.97
N LEU A 5 3.63 -9.59 20.10
CA LEU A 5 3.34 -8.17 19.78
C LEU A 5 3.75 -7.31 20.96
N ALA A 6 4.62 -6.31 20.73
CA ALA A 6 4.93 -5.23 21.69
C ALA A 6 3.63 -4.58 22.19
N SER A 7 3.76 -3.78 23.26
CA SER A 7 2.61 -3.26 24.04
C SER A 7 1.78 -2.33 23.14
N THR A 8 0.46 -2.36 23.31
CA THR A 8 -0.46 -1.34 22.75
C THR A 8 -0.01 0.06 23.21
N SER A 9 0.67 0.19 24.36
CA SER A 9 0.90 1.50 25.02
C SER A 9 2.26 2.07 24.60
N GLU A 10 3.10 1.27 23.97
CA GLU A 10 4.43 1.81 23.59
C GLU A 10 4.93 1.10 22.33
N PHE A 11 5.79 1.81 21.58
CA PHE A 11 6.60 1.26 20.46
C PHE A 11 7.89 0.72 21.04
N ARG A 12 8.16 -0.57 20.80
CA ARG A 12 9.43 -1.24 21.20
C ARG A 12 9.86 -2.15 20.03
N PHE A 13 10.93 -1.74 19.40
CA PHE A 13 11.63 -2.36 18.26
C PHE A 13 12.91 -2.95 18.85
N ASP A 14 13.43 -3.98 18.19
CA ASP A 14 14.77 -4.57 18.44
C ASP A 14 15.37 -5.02 17.12
N PRO A 15 16.65 -4.67 16.84
CA PRO A 15 17.29 -5.03 15.58
C PRO A 15 17.27 -6.54 15.29
N GLU A 16 17.12 -7.37 16.32
CA GLU A 16 17.15 -8.84 16.14
C GLU A 16 15.76 -9.40 16.36
N ARG A 17 14.94 -8.80 17.22
CA ARG A 17 13.61 -9.35 17.57
C ARG A 17 12.57 -8.84 16.54
N THR A 18 12.74 -7.63 15.95
CA THR A 18 11.68 -6.96 15.13
C THR A 18 12.24 -6.30 13.88
N PRO A 19 13.15 -6.95 13.14
CA PRO A 19 13.80 -6.35 11.98
C PRO A 19 12.98 -6.38 10.67
N GLY A 20 11.84 -7.05 10.69
CA GLY A 20 10.95 -7.25 9.52
C GLY A 20 11.42 -8.39 8.63
N LEU A 21 10.70 -8.61 7.51
CA LEU A 21 10.92 -9.71 6.54
C LEU A 21 12.13 -9.38 5.67
N ARG A 22 12.48 -8.11 5.52
CA ARG A 22 13.61 -7.75 4.64
C ARG A 22 14.25 -6.48 5.14
N HIS A 23 15.58 -6.46 5.22
CA HIS A 23 16.28 -5.39 5.97
C HIS A 23 17.75 -5.32 5.64
N ALA A 24 18.40 -4.27 6.11
CA ALA A 24 19.84 -4.10 5.94
C ALA A 24 20.53 -5.03 6.94
N LYS A 25 21.84 -5.18 6.75
CA LYS A 25 22.79 -5.87 7.65
C LYS A 25 23.16 -4.91 8.79
N ASN A 26 23.04 -5.39 10.02
CA ASN A 26 23.67 -4.74 11.20
C ASN A 26 22.91 -3.45 11.53
N LEU A 27 21.63 -3.58 11.89
CA LEU A 27 20.79 -2.51 12.49
C LEU A 27 21.24 -2.19 13.92
N THR A 28 21.44 -0.90 14.25
CA THR A 28 22.05 -0.40 15.51
C THR A 28 20.97 -0.18 16.58
N ASP A 29 21.34 -0.31 17.85
CA ASP A 29 20.40 -0.02 18.97
C ASP A 29 20.05 1.48 18.92
N GLU A 30 20.99 2.31 18.48
CA GLU A 30 20.90 3.80 18.50
C GLU A 30 19.78 4.23 17.52
N SER A 31 19.86 3.80 16.26
CA SER A 31 18.77 3.94 15.26
C SER A 31 17.43 3.45 15.83
N THR A 32 17.42 2.34 16.57
CA THR A 32 16.17 1.74 17.11
C THR A 32 15.53 2.64 18.17
N ARG A 33 16.35 3.31 19.00
CA ARG A 33 15.82 4.18 20.08
C ARG A 33 15.22 5.44 19.44
N GLU A 34 15.97 6.05 18.53
CA GLU A 34 15.56 7.22 17.72
C GLU A 34 14.23 6.88 17.02
N LEU A 35 14.11 5.67 16.46
CA LEU A 35 12.86 5.28 15.77
C LEU A 35 11.72 5.28 16.77
N GLU A 36 11.90 4.72 17.97
CA GLU A 36 10.79 4.62 18.94
C GLU A 36 10.40 6.06 19.36
N ARG A 37 11.36 6.98 19.43
CA ARG A 37 11.16 8.42 19.81
C ARG A 37 10.19 9.07 18.80
N VAL A 38 10.57 9.08 17.52
CA VAL A 38 9.85 9.76 16.40
C VAL A 38 8.48 9.12 16.16
N LEU A 39 8.34 7.81 16.38
CA LEU A 39 7.06 7.13 16.17
C LEU A 39 6.09 7.62 17.21
N GLU A 40 6.54 7.80 18.46
CA GLU A 40 5.58 8.20 19.51
C GLU A 40 5.22 9.67 19.30
N GLU A 41 6.17 10.49 18.85
CA GLU A 41 5.91 11.92 18.51
C GLU A 41 4.82 11.94 17.44
N ASN A 42 4.92 11.06 16.46
CA ASN A 42 3.97 10.97 15.32
C ASN A 42 2.60 10.52 15.78
N HIS A 43 2.52 9.50 16.61
CA HIS A 43 1.23 8.96 17.10
C HIS A 43 0.46 10.03 17.89
N SER A 44 1.18 10.77 18.74
CA SER A 44 0.59 11.74 19.70
C SER A 44 0.24 13.10 19.08
N ASN A 45 1.04 13.55 18.11
CA ASN A 45 1.09 14.96 17.62
C ASN A 45 0.51 15.11 16.23
N HIS A 46 0.46 14.05 15.42
CA HIS A 46 0.09 14.14 13.99
C HIS A 46 -1.16 13.32 13.74
N HIS A 47 -2.03 13.85 12.89
CA HIS A 47 -3.28 13.19 12.47
C HIS A 47 -2.92 12.16 11.39
N ILE A 48 -3.80 11.21 11.12
CA ILE A 48 -3.56 10.16 10.08
C ILE A 48 -3.69 10.74 8.66
N PHE A 49 -4.35 11.89 8.54
CA PHE A 49 -4.48 12.61 7.24
C PHE A 49 -3.72 13.93 7.33
N THR A 50 -2.93 14.22 6.32
CA THR A 50 -2.15 15.49 6.24
C THR A 50 -2.89 16.63 5.56
N THR A 51 -4.04 16.36 4.93
CA THR A 51 -4.93 17.42 4.38
C THR A 51 -6.35 17.22 4.87
N THR A 52 -7.14 18.30 4.85
CA THR A 52 -8.63 18.17 4.91
C THR A 52 -9.06 17.63 3.55
N GLU A 53 -10.19 16.93 3.56
CA GLU A 53 -10.64 16.22 2.33
C GLU A 53 -10.87 17.26 1.24
N ASP A 54 -11.38 18.45 1.55
CA ASP A 54 -11.80 19.45 0.54
C ASP A 54 -10.58 20.19 -0.03
N HIS A 55 -9.43 20.18 0.67
CA HIS A 55 -8.18 20.87 0.21
C HIS A 55 -7.81 20.37 -1.19
N LYS A 56 -7.47 19.10 -1.34
CA LYS A 56 -7.07 18.53 -2.65
C LYS A 56 -8.23 17.72 -3.28
N GLY A 57 -9.33 17.50 -2.56
CA GLY A 57 -10.47 16.71 -3.08
C GLY A 57 -10.49 15.31 -2.52
N VAL A 58 -9.32 14.77 -2.18
CA VAL A 58 -9.22 13.47 -1.48
C VAL A 58 -8.23 13.67 -0.33
N TYR A 59 -8.31 12.83 0.69
CA TYR A 59 -7.34 12.84 1.83
C TYR A 59 -5.97 12.45 1.29
N PHE A 60 -4.98 13.24 1.69
CA PHE A 60 -3.55 12.83 1.63
C PHE A 60 -3.23 12.16 2.96
N HIS A 61 -2.39 11.12 2.97
CA HIS A 61 -2.12 10.32 4.19
C HIS A 61 -0.78 10.68 4.82
N ASN A 62 -0.74 10.56 6.14
CA ASN A 62 0.49 10.65 6.97
C ASN A 62 1.26 9.34 6.75
N HIS A 63 2.41 9.41 6.11
CA HIS A 63 3.29 8.24 5.80
C HIS A 63 4.42 8.15 6.82
N ILE A 64 4.42 9.02 7.82
CA ILE A 64 5.57 9.12 8.75
C ILE A 64 5.83 7.76 9.42
N ALA A 65 4.85 7.09 10.01
CA ALA A 65 5.07 5.75 10.62
C ALA A 65 5.79 4.82 9.64
N HIS A 66 5.25 4.70 8.41
CA HIS A 66 5.78 3.82 7.34
C HIS A 66 7.20 4.21 6.92
N HIS A 67 7.47 5.49 6.73
CA HIS A 67 8.78 5.97 6.25
C HIS A 67 9.88 5.71 7.30
N ASP A 68 9.61 6.16 8.53
CA ASP A 68 10.54 6.05 9.68
C ASP A 68 10.94 4.57 9.85
N ILE A 69 9.94 3.68 9.96
CA ILE A 69 10.15 2.22 10.15
C ILE A 69 10.97 1.72 8.95
N THR A 70 10.50 1.98 7.73
CA THR A 70 11.18 1.47 6.53
C THR A 70 12.65 1.89 6.57
N ILE A 71 12.97 3.16 6.82
CA ILE A 71 14.38 3.58 6.65
C ILE A 71 15.17 3.07 7.87
N TRP A 72 14.55 2.83 9.01
CA TRP A 72 15.25 2.13 10.12
C TRP A 72 15.63 0.72 9.64
N ALA A 73 14.64 -0.03 9.17
CA ALA A 73 14.83 -1.38 8.58
C ALA A 73 15.89 -1.40 7.48
N LEU A 74 16.12 -0.32 6.72
CA LEU A 74 17.14 -0.29 5.64
C LEU A 74 18.47 0.29 6.13
N GLY A 75 18.62 0.52 7.45
CA GLY A 75 19.94 0.79 8.05
C GLY A 75 20.27 2.27 8.17
N ALA A 76 19.24 3.13 8.22
CA ALA A 76 19.39 4.57 8.48
C ALA A 76 20.07 4.80 9.84
N ASN A 77 20.97 5.76 9.88
CA ASN A 77 21.61 6.22 11.14
C ASN A 77 20.62 7.16 11.87
N PRO A 78 20.77 7.38 13.20
CA PRO A 78 19.79 8.14 13.98
C PRO A 78 19.52 9.54 13.41
N SER A 79 20.56 10.14 12.89
CA SER A 79 20.56 11.51 12.28
C SER A 79 19.70 11.51 11.00
N THR A 80 19.75 10.44 10.22
CA THR A 80 18.98 10.32 8.95
C THR A 80 17.53 10.12 9.32
N ILE A 81 17.25 9.28 10.33
CA ILE A 81 15.87 9.03 10.81
C ILE A 81 15.28 10.38 11.25
N ARG A 82 16.00 11.10 12.11
CA ARG A 82 15.55 12.41 12.65
C ARG A 82 15.24 13.41 11.51
N SER A 83 16.19 13.60 10.59
CA SER A 83 16.15 14.55 9.47
C SER A 83 14.94 14.25 8.56
N GLN A 84 14.72 12.98 8.21
CA GLN A 84 13.64 12.55 7.30
C GLN A 84 12.32 12.81 7.99
N HIS A 85 12.23 12.45 9.26
CA HIS A 85 11.01 12.57 10.08
C HIS A 85 10.66 14.05 10.28
N ASP A 86 11.65 14.86 10.63
CA ASP A 86 11.48 16.32 10.89
C ASP A 86 10.93 17.00 9.62
N ARG A 87 11.46 16.66 8.45
CA ARG A 87 11.02 17.32 7.18
C ARG A 87 9.57 16.93 6.86
N ASN A 88 9.19 15.67 7.04
CA ASN A 88 7.83 15.21 6.72
C ASN A 88 6.84 15.68 7.78
N SER A 89 7.32 16.04 8.98
CA SER A 89 6.48 16.52 10.10
C SER A 89 5.90 17.92 9.76
N LEU A 90 6.56 18.65 8.87
CA LEU A 90 6.26 20.08 8.66
C LEU A 90 4.86 20.28 8.06
N TYR A 91 4.34 19.34 7.27
CA TYR A 91 3.06 19.50 6.55
C TYR A 91 1.95 18.72 7.24
N GLN A 92 2.16 18.23 8.47
CA GLN A 92 1.16 17.37 9.17
C GLN A 92 0.02 18.19 9.71
N ARG A 93 -1.14 17.59 9.85
CA ARG A 93 -2.23 18.14 10.68
C ARG A 93 -2.01 17.74 12.14
N GLN A 94 -2.58 18.54 13.03
CA GLN A 94 -2.55 18.32 14.49
C GLN A 94 -3.46 17.13 14.81
N ALA A 95 -3.03 16.27 15.74
CA ALA A 95 -3.76 15.07 16.20
C ALA A 95 -5.14 15.44 16.76
N MET A 96 -6.12 14.59 16.58
CA MET A 96 -7.48 14.77 17.13
C MET A 96 -7.47 14.54 18.65
N VAL A 97 -8.47 15.06 19.34
CA VAL A 97 -8.61 14.86 20.82
C VAL A 97 -9.17 13.46 21.07
N ILE A 98 -8.71 12.81 22.14
CA ILE A 98 -9.28 11.52 22.62
C ILE A 98 -10.37 11.86 23.63
N GLN A 99 -11.58 11.41 23.39
CA GLN A 99 -12.64 11.45 24.43
C GLN A 99 -12.83 10.05 25.02
N ASP A 100 -12.43 9.83 26.28
CA ASP A 100 -12.41 8.46 26.89
C ASP A 100 -13.84 7.91 26.90
N SER A 101 -14.86 8.76 27.11
CA SER A 101 -16.25 8.26 27.14
C SER A 101 -16.60 7.63 25.78
N VAL A 102 -16.07 8.17 24.69
CA VAL A 102 -16.40 7.66 23.32
C VAL A 102 -15.66 6.33 23.12
N VAL A 103 -14.37 6.34 23.40
CA VAL A 103 -13.53 5.08 23.45
C VAL A 103 -14.29 3.97 24.18
N LYS A 104 -14.89 4.24 25.35
CA LYS A 104 -15.59 3.17 26.10
C LYS A 104 -16.92 2.86 25.45
N ASP A 105 -17.66 3.89 24.99
CA ASP A 105 -19.01 3.69 24.43
C ASP A 105 -18.90 2.90 23.11
N MET A 106 -17.71 2.89 22.47
CA MET A 106 -17.53 2.23 21.16
C MET A 106 -17.71 0.71 21.31
N ALA A 107 -17.74 0.20 22.55
CA ALA A 107 -18.09 -1.23 22.84
C ALA A 107 -19.56 -1.48 22.56
N ASP A 108 -20.41 -0.45 22.42
CA ASP A 108 -21.77 -0.63 21.91
C ASP A 108 -21.63 -0.60 20.39
N PRO A 109 -21.98 -1.69 19.68
CA PRO A 109 -21.81 -1.72 18.23
C PRO A 109 -22.56 -0.59 17.52
N ALA A 110 -23.72 -0.20 18.06
CA ALA A 110 -24.50 0.95 17.53
C ALA A 110 -23.63 2.23 17.54
N VAL A 111 -22.81 2.42 18.57
CA VAL A 111 -21.94 3.62 18.75
C VAL A 111 -20.70 3.45 17.88
N TYR A 112 -20.12 2.26 17.87
CA TYR A 112 -18.99 1.91 16.99
C TYR A 112 -19.36 2.27 15.55
N LYS A 113 -20.59 1.94 15.14
CA LYS A 113 -21.05 2.03 13.73
C LYS A 113 -21.27 3.51 13.40
N ARG A 114 -21.81 4.23 14.36
CA ARG A 114 -22.10 5.67 14.26
C ARG A 114 -20.82 6.49 14.07
N CYS A 115 -19.69 6.09 14.66
CA CYS A 115 -18.38 6.81 14.62
C CYS A 115 -17.58 6.54 13.33
N LEU A 116 -17.96 5.54 12.53
CA LEU A 116 -17.20 5.17 11.31
C LEU A 116 -17.20 6.33 10.28
N GLY A 117 -16.10 6.47 9.58
CA GLY A 117 -15.94 7.41 8.44
C GLY A 117 -15.67 8.82 8.90
N ARG A 118 -15.42 9.02 10.20
CA ARG A 118 -15.30 10.40 10.75
C ARG A 118 -13.89 10.57 11.29
N GLU A 119 -13.08 11.32 10.58
CA GLU A 119 -11.63 11.48 10.89
C GLU A 119 -11.43 12.00 12.30
N GLU A 120 -12.40 12.72 12.88
CA GLU A 120 -12.21 13.28 14.24
C GLU A 120 -12.16 12.12 15.26
N ASN A 121 -12.60 10.91 14.88
CA ASN A 121 -12.58 9.69 15.74
C ASN A 121 -11.26 8.92 15.62
N PHE A 122 -10.23 9.43 14.94
CA PHE A 122 -9.03 8.59 14.66
C PHE A 122 -8.37 8.12 15.97
N LEU A 123 -8.10 9.00 16.93
CA LEU A 123 -7.36 8.55 18.14
C LEU A 123 -8.35 7.82 19.07
N ASN A 124 -9.63 8.14 19.03
CA ASN A 124 -10.71 7.40 19.73
C ASN A 124 -10.67 5.93 19.26
N TYR A 125 -10.62 5.69 17.96
CA TYR A 125 -10.61 4.30 17.42
C TYR A 125 -9.31 3.59 17.80
N CYS A 126 -8.16 4.28 17.76
CA CYS A 126 -6.82 3.80 18.12
C CYS A 126 -6.90 3.24 19.54
N ARG A 127 -7.54 4.00 20.44
CA ARG A 127 -7.62 3.61 21.86
C ARG A 127 -8.61 2.44 21.95
N PHE A 128 -9.71 2.47 21.20
CA PHE A 128 -10.71 1.39 21.20
C PHE A 128 -10.02 0.10 20.76
N PHE A 129 -9.12 0.19 19.78
CA PHE A 129 -8.46 -1.03 19.22
C PHE A 129 -7.37 -1.52 20.17
N GLU A 130 -6.58 -0.63 20.75
CA GLU A 130 -5.60 -0.93 21.83
C GLU A 130 -6.31 -1.68 22.97
N ASP A 131 -7.47 -1.18 23.40
CA ASP A 131 -8.33 -1.80 24.44
C ASP A 131 -8.82 -3.17 23.96
N GLU A 132 -9.30 -3.29 22.72
CA GLU A 132 -9.81 -4.59 22.18
C GLU A 132 -8.67 -5.62 22.18
N ILE A 133 -7.48 -5.22 21.73
CA ILE A 133 -6.29 -6.10 21.67
C ILE A 133 -6.00 -6.61 23.10
N ASN A 134 -5.96 -5.71 24.07
CA ASN A 134 -5.67 -6.06 25.48
C ASN A 134 -6.79 -6.93 26.05
N ARG A 135 -8.03 -6.72 25.63
CA ARG A 135 -9.18 -7.50 26.15
C ARG A 135 -9.15 -8.90 25.55
N ILE A 136 -9.02 -9.06 24.23
CA ILE A 136 -9.31 -10.37 23.57
C ILE A 136 -8.10 -10.89 22.82
N GLY A 137 -6.98 -10.17 22.84
CA GLY A 137 -5.75 -10.48 22.12
C GLY A 137 -5.89 -10.21 20.61
N TYR A 138 -4.79 -9.91 19.93
CA TYR A 138 -4.75 -9.44 18.53
C TYR A 138 -5.37 -10.48 17.61
N GLN A 139 -5.11 -11.77 17.88
CA GLN A 139 -5.63 -12.83 16.98
C GLN A 139 -7.15 -12.74 16.99
N ALA A 140 -7.78 -12.49 18.13
CA ALA A 140 -9.25 -12.43 18.19
C ALA A 140 -9.75 -11.11 17.53
N VAL A 141 -8.96 -10.05 17.60
CA VAL A 141 -9.27 -8.76 16.92
C VAL A 141 -9.36 -8.98 15.40
N LEU A 142 -8.38 -9.71 14.81
CA LEU A 142 -8.36 -10.08 13.35
C LEU A 142 -9.64 -10.81 12.99
N GLN A 143 -10.12 -11.72 13.87
CA GLN A 143 -11.41 -12.40 13.61
C GLN A 143 -12.52 -11.37 13.72
N LYS A 144 -12.58 -10.62 14.83
CA LYS A 144 -13.76 -9.76 15.11
C LYS A 144 -13.82 -8.61 14.09
N TYR A 145 -12.67 -8.06 13.69
CA TYR A 145 -12.62 -6.78 12.92
C TYR A 145 -12.19 -7.00 11.46
N LEU A 146 -12.08 -8.23 10.94
CA LEU A 146 -11.54 -8.47 9.57
C LEU A 146 -12.16 -9.71 8.93
N VAL A 147 -12.07 -10.91 9.54
CA VAL A 147 -12.25 -12.19 8.78
C VAL A 147 -13.43 -13.06 9.27
N ASP A 148 -14.07 -12.77 10.41
CA ASP A 148 -15.08 -13.73 10.96
C ASP A 148 -16.42 -13.59 10.24
N GLY A 149 -16.57 -12.66 9.30
CA GLY A 149 -17.80 -12.60 8.50
C GLY A 149 -19.01 -11.99 9.19
N SER A 150 -18.85 -11.42 10.39
CA SER A 150 -19.85 -10.51 11.01
C SER A 150 -20.04 -9.29 10.11
N GLU A 151 -21.15 -8.59 10.28
CA GLU A 151 -21.39 -7.31 9.55
C GLU A 151 -20.28 -6.33 9.88
N ILE A 152 -19.83 -6.24 11.13
CA ILE A 152 -18.71 -5.32 11.52
C ILE A 152 -17.39 -5.75 10.88
N ALA A 153 -17.09 -7.05 10.73
CA ALA A 153 -15.79 -7.50 10.20
C ALA A 153 -15.77 -7.30 8.67
N ASP A 154 -16.90 -7.55 8.02
CA ASP A 154 -17.04 -7.40 6.55
C ASP A 154 -16.91 -5.92 6.17
N ASP A 155 -17.50 -5.05 7.00
CA ASP A 155 -17.39 -3.57 6.83
C ASP A 155 -15.91 -3.19 6.91
N MET A 156 -15.18 -3.66 7.92
CA MET A 156 -13.79 -3.27 8.10
C MET A 156 -12.89 -3.87 7.03
N LEU A 157 -13.18 -5.09 6.59
CA LEU A 157 -12.43 -5.75 5.48
C LEU A 157 -12.44 -4.84 4.25
N CYS A 158 -13.51 -4.12 3.95
CA CYS A 158 -13.52 -3.18 2.78
C CYS A 158 -12.71 -1.90 3.09
N ARG A 159 -12.74 -1.45 4.34
CA ARG A 159 -12.17 -0.14 4.72
C ARG A 159 -10.64 -0.19 4.62
N ILE A 160 -10.02 -1.36 4.82
CA ILE A 160 -8.55 -1.43 4.88
C ILE A 160 -7.99 -1.13 3.48
N TYR A 161 -8.86 -1.11 2.46
CA TYR A 161 -8.41 -0.86 1.07
C TYR A 161 -8.74 0.58 0.64
N MET A 162 -9.65 1.25 1.36
CA MET A 162 -10.05 2.65 1.08
C MET A 162 -8.81 3.54 1.04
N GLY A 163 -8.84 4.64 0.28
CA GLY A 163 -7.76 5.63 0.42
C GLY A 163 -6.48 5.03 -0.08
N TYR A 164 -6.54 4.33 -1.22
CA TYR A 164 -5.38 3.69 -1.87
C TYR A 164 -4.68 2.72 -0.89
N VAL A 165 -5.46 1.90 -0.20
CA VAL A 165 -5.03 0.69 0.57
C VAL A 165 -4.09 1.08 1.74
N HIS A 166 -4.18 2.29 2.28
CA HIS A 166 -3.27 2.70 3.39
C HIS A 166 -3.59 1.89 4.66
N GLY A 167 -4.83 1.48 4.89
CA GLY A 167 -5.22 0.67 6.09
C GLY A 167 -4.53 -0.68 6.09
N ILE A 168 -4.63 -1.42 4.97
CA ILE A 168 -3.93 -2.73 4.85
C ILE A 168 -2.42 -2.55 4.86
N ILE A 169 -1.87 -1.45 4.33
CA ILE A 169 -0.42 -1.18 4.44
C ILE A 169 -0.04 -1.06 5.93
N HIS A 170 -0.83 -0.31 6.68
CA HIS A 170 -0.55 -0.01 8.11
C HIS A 170 -0.64 -1.33 8.90
N ILE A 171 -1.68 -2.11 8.65
CA ILE A 171 -1.92 -3.40 9.35
C ILE A 171 -0.76 -4.36 9.03
N GLY A 172 -0.31 -4.41 7.76
CA GLY A 172 0.81 -5.24 7.29
C GLY A 172 2.09 -4.93 8.06
N MET A 173 2.43 -3.66 8.15
CA MET A 173 3.63 -3.16 8.84
C MET A 173 3.53 -3.52 10.33
N ALA A 174 2.35 -3.47 10.92
CA ALA A 174 2.19 -3.66 12.38
C ALA A 174 2.51 -5.13 12.70
N LEU A 175 1.99 -6.05 11.89
CA LEU A 175 2.21 -7.51 12.09
C LEU A 175 3.67 -7.80 11.81
N GLU A 176 4.23 -7.21 10.76
CA GLU A 176 5.61 -7.47 10.34
C GLU A 176 6.59 -7.03 11.43
N PHE A 177 6.33 -5.87 12.05
CA PHE A 177 7.33 -5.28 12.98
C PHE A 177 6.92 -5.51 14.43
N LYS A 178 5.81 -6.23 14.61
CA LYS A 178 5.33 -6.82 15.87
C LYS A 178 4.95 -5.68 16.84
N GLN A 179 4.04 -4.79 16.42
CA GLN A 179 3.67 -3.59 17.24
C GLN A 179 2.17 -3.56 17.39
N ALA A 180 1.65 -3.84 18.59
CA ALA A 180 0.18 -3.80 18.80
C ALA A 180 -0.28 -2.33 18.63
N ARG A 181 0.62 -1.39 18.86
CA ARG A 181 0.29 0.06 18.87
C ARG A 181 0.05 0.50 17.42
N LEU A 182 0.89 0.03 16.52
CA LEU A 182 0.74 0.25 15.04
C LEU A 182 -0.45 -0.54 14.51
N LEU A 183 -0.80 -1.69 15.09
CA LEU A 183 -2.00 -2.44 14.62
C LEU A 183 -3.29 -1.67 14.93
N ALA A 184 -3.39 -1.09 16.12
CA ALA A 184 -4.55 -0.29 16.49
C ALA A 184 -4.64 0.94 15.54
N GLU A 185 -3.51 1.58 15.28
CA GLU A 185 -3.38 2.71 14.30
C GLU A 185 -3.99 2.25 12.97
N GLY A 186 -3.72 1.00 12.57
CA GLY A 186 -4.15 0.46 11.25
C GLY A 186 -5.64 0.30 11.15
N PHE A 187 -6.28 -0.36 12.11
CA PHE A 187 -7.74 -0.52 12.19
C PHE A 187 -8.39 0.88 12.27
N ALA A 188 -7.82 1.75 13.08
CA ALA A 188 -8.31 3.15 13.29
C ALA A 188 -8.24 3.92 11.95
N GLN A 189 -7.17 3.78 11.19
CA GLN A 189 -7.03 4.49 9.89
C GLN A 189 -8.17 4.04 9.00
N ALA A 190 -8.40 2.73 8.92
CA ALA A 190 -9.42 2.13 8.06
C ALA A 190 -10.77 2.61 8.55
N ALA A 191 -10.99 2.62 9.87
CA ALA A 191 -12.30 2.97 10.43
C ALA A 191 -12.72 4.37 9.97
N VAL A 192 -11.79 5.32 9.85
CA VAL A 192 -12.20 6.74 9.59
C VAL A 192 -12.26 7.06 8.08
N HIS A 193 -11.94 6.10 7.19
CA HIS A 193 -12.09 6.29 5.72
C HIS A 193 -13.56 6.18 5.36
N HIS A 194 -13.97 6.81 4.26
CA HIS A 194 -15.40 6.74 3.84
C HIS A 194 -15.51 6.69 2.29
N ASP A 195 -14.61 5.96 1.64
CA ASP A 195 -14.61 5.74 0.16
C ASP A 195 -15.55 4.56 -0.11
N TRP A 196 -16.82 4.87 -0.23
CA TRP A 196 -17.96 3.92 -0.33
C TRP A 196 -17.82 3.00 -1.54
N TRP A 197 -17.14 3.45 -2.60
CA TRP A 197 -17.10 2.65 -3.87
C TRP A 197 -16.26 1.38 -3.66
N TYR A 198 -15.27 1.39 -2.75
CA TYR A 198 -14.52 0.17 -2.35
C TYR A 198 -15.52 -0.85 -1.76
N THR A 199 -16.42 -0.42 -0.88
CA THR A 199 -17.39 -1.37 -0.23
C THR A 199 -18.22 -2.02 -1.34
N GLU A 200 -18.75 -1.20 -2.26
CA GLU A 200 -19.62 -1.66 -3.36
C GLU A 200 -18.86 -2.63 -4.29
N TYR A 201 -17.68 -2.25 -4.74
CA TYR A 201 -16.87 -3.04 -5.72
C TYR A 201 -16.45 -4.36 -5.10
N LEU A 202 -16.01 -4.34 -3.84
CA LEU A 202 -15.46 -5.55 -3.21
C LEU A 202 -16.62 -6.49 -2.84
N THR A 203 -17.74 -5.94 -2.42
CA THR A 203 -18.96 -6.68 -2.02
C THR A 203 -19.57 -7.29 -3.29
N GLN A 204 -19.86 -6.46 -4.29
CA GLN A 204 -20.46 -6.92 -5.56
C GLN A 204 -19.54 -7.92 -6.25
N SER A 205 -18.22 -7.78 -6.17
CA SER A 205 -17.23 -8.68 -6.80
C SER A 205 -17.19 -10.05 -6.11
N GLU A 206 -17.27 -10.06 -4.77
CA GLU A 206 -17.29 -11.32 -3.98
C GLU A 206 -18.58 -12.07 -4.30
N GLU A 207 -19.70 -11.36 -4.39
CA GLU A 207 -20.99 -12.01 -4.69
C GLU A 207 -20.84 -12.63 -6.09
N LEU A 208 -20.27 -11.90 -7.07
CA LEU A 208 -20.18 -12.44 -8.45
C LEU A 208 -19.25 -13.66 -8.45
N ALA A 209 -18.12 -13.60 -7.75
CA ALA A 209 -17.12 -14.67 -7.69
C ALA A 209 -17.74 -15.96 -7.14
N ARG A 210 -18.77 -15.82 -6.29
CA ARG A 210 -19.43 -16.97 -5.62
C ARG A 210 -20.07 -17.86 -6.70
N LYS A 211 -20.74 -17.26 -7.69
CA LYS A 211 -21.35 -17.95 -8.87
C LYS A 211 -20.32 -18.75 -9.70
N GLN A 212 -19.02 -18.50 -9.58
CA GLN A 212 -17.92 -19.23 -10.28
C GLN A 212 -18.21 -19.37 -11.80
N GLU A 213 -18.73 -18.32 -12.45
CA GLU A 213 -19.22 -18.34 -13.86
C GLU A 213 -18.08 -18.64 -14.83
N GLU A 214 -16.83 -18.27 -14.54
CA GLU A 214 -15.67 -18.59 -15.40
C GLU A 214 -14.51 -19.05 -14.55
N PRO A 215 -13.56 -19.78 -15.13
CA PRO A 215 -12.39 -20.26 -14.39
C PRO A 215 -11.42 -19.24 -13.79
N ALA A 216 -10.80 -19.69 -12.71
CA ALA A 216 -9.91 -18.90 -11.84
C ALA A 216 -8.56 -18.78 -12.56
N LEU A 217 -7.98 -17.58 -12.48
CA LEU A 217 -6.67 -17.29 -13.10
C LEU A 217 -5.78 -16.65 -12.06
N PRO A 218 -4.46 -16.83 -12.25
CA PRO A 218 -3.47 -16.07 -11.51
C PRO A 218 -3.78 -14.58 -11.72
N LEU A 219 -3.37 -13.75 -10.77
CA LEU A 219 -3.53 -12.29 -10.92
C LEU A 219 -2.84 -11.78 -12.19
N SER A 220 -1.63 -12.22 -12.52
CA SER A 220 -0.86 -11.80 -13.74
C SER A 220 -1.71 -11.98 -15.00
N ASP A 221 -2.41 -13.12 -15.13
CA ASP A 221 -3.29 -13.42 -16.30
C ASP A 221 -4.47 -12.46 -16.30
N LEU A 222 -4.97 -12.09 -15.11
CA LEU A 222 -6.14 -11.15 -15.05
C LEU A 222 -5.71 -9.70 -15.38
N ILE A 223 -4.50 -9.28 -14.98
CA ILE A 223 -3.93 -7.96 -15.39
C ILE A 223 -3.97 -7.87 -16.93
N ASP A 224 -3.48 -8.91 -17.60
CA ASP A 224 -3.42 -9.02 -19.09
C ASP A 224 -4.85 -9.06 -19.67
N LEU A 225 -5.75 -9.82 -19.07
CA LEU A 225 -7.16 -9.92 -19.54
C LEU A 225 -7.85 -8.56 -19.47
N ALA A 226 -7.68 -7.78 -18.38
CA ALA A 226 -8.22 -6.41 -18.27
C ALA A 226 -7.83 -5.57 -19.49
N ARG A 227 -6.59 -5.70 -19.99
CA ARG A 227 -6.07 -4.84 -21.08
C ARG A 227 -6.78 -5.13 -22.40
N GLN A 228 -7.25 -6.37 -22.58
CA GLN A 228 -7.82 -6.88 -23.85
C GLN A 228 -9.24 -6.35 -23.96
N ASP A 229 -9.79 -5.87 -22.86
CA ASP A 229 -11.21 -5.49 -22.79
C ASP A 229 -11.39 -4.06 -23.27
N ASP A 230 -12.27 -3.84 -24.25
CA ASP A 230 -12.46 -2.48 -24.83
C ASP A 230 -12.95 -1.51 -23.74
N ALA A 231 -13.89 -1.92 -22.89
CA ALA A 231 -14.45 -1.00 -21.89
C ALA A 231 -13.36 -0.69 -20.85
N ILE A 232 -12.60 -1.68 -20.40
CA ILE A 232 -11.65 -1.45 -19.27
C ILE A 232 -10.51 -0.57 -19.82
N ARG A 233 -9.96 -0.90 -20.99
CA ARG A 233 -8.74 -0.23 -21.47
C ARG A 233 -9.04 1.24 -21.77
N ASN A 234 -10.29 1.61 -21.96
CA ASN A 234 -10.71 3.00 -22.28
C ASN A 234 -11.46 3.68 -21.14
N CYS A 235 -11.64 3.05 -19.98
CA CYS A 235 -12.56 3.57 -18.92
C CYS A 235 -12.00 4.81 -18.23
N SER A 236 -10.70 5.07 -18.35
CA SER A 236 -10.06 6.18 -17.57
C SER A 236 -9.47 7.23 -18.53
N THR A 237 -8.77 8.22 -17.99
CA THR A 237 -8.15 9.34 -18.76
C THR A 237 -6.99 9.96 -17.96
N LEU A 238 -6.02 10.57 -18.61
CA LEU A 238 -4.91 11.25 -17.91
C LEU A 238 -5.45 12.50 -17.23
N TYR A 239 -6.58 13.00 -17.71
CA TYR A 239 -7.24 14.18 -17.15
C TYR A 239 -7.41 14.06 -15.64
N TYR A 240 -7.62 12.88 -15.05
CA TYR A 240 -7.71 12.80 -13.57
C TYR A 240 -6.42 13.35 -12.92
N HIS A 241 -5.26 13.26 -13.59
CA HIS A 241 -3.96 13.70 -13.00
C HIS A 241 -3.61 15.13 -13.43
N LEU A 242 -4.43 15.77 -14.27
CA LEU A 242 -4.23 17.14 -14.79
C LEU A 242 -5.36 18.07 -14.33
N GLN A 243 -6.35 17.60 -13.56
CA GLN A 243 -7.47 18.50 -13.11
C GLN A 243 -6.93 19.63 -12.28
N LYS A 244 -7.47 20.82 -12.55
CA LYS A 244 -7.21 22.03 -11.74
C LYS A 244 -8.53 22.61 -11.25
N ARG A 245 -8.49 23.24 -10.11
CA ARG A 245 -9.60 24.03 -9.55
C ARG A 245 -9.86 25.24 -10.46
N LYS A 246 -11.13 25.49 -10.83
CA LYS A 246 -11.52 26.52 -11.83
C LYS A 246 -10.96 27.88 -11.40
N VAL A 247 -11.08 28.22 -10.12
CA VAL A 247 -10.73 29.59 -9.64
C VAL A 247 -9.19 29.74 -9.56
N THR A 248 -8.50 28.90 -8.80
CA THR A 248 -7.07 29.09 -8.39
C THR A 248 -6.07 28.32 -9.28
N GLY A 249 -6.53 27.36 -10.06
CA GLY A 249 -5.68 26.54 -10.94
C GLY A 249 -4.89 25.51 -10.15
N GLU A 250 -5.16 25.37 -8.85
CA GLU A 250 -4.53 24.36 -7.94
C GLU A 250 -4.90 22.93 -8.37
N MET A 251 -3.97 22.01 -8.11
CA MET A 251 -4.18 20.57 -8.34
C MET A 251 -5.31 20.11 -7.43
N CYS A 252 -6.17 19.23 -7.93
CA CYS A 252 -7.20 18.57 -7.07
C CYS A 252 -7.53 17.22 -7.70
N LEU A 253 -8.22 16.38 -6.93
CA LEU A 253 -8.74 15.08 -7.39
C LEU A 253 -10.23 15.12 -7.08
N ASP A 254 -10.90 16.13 -7.61
CA ASP A 254 -12.35 16.34 -7.35
C ASP A 254 -13.08 15.24 -8.09
N LEU A 255 -12.56 14.84 -9.24
CA LEU A 255 -12.96 13.59 -9.93
C LEU A 255 -11.91 12.53 -9.59
N GLU A 256 -12.38 11.32 -9.32
CA GLU A 256 -11.51 10.23 -8.80
C GLU A 256 -11.58 9.10 -9.82
N PRO A 257 -10.43 8.59 -10.29
CA PRO A 257 -10.39 7.62 -11.35
C PRO A 257 -11.30 6.40 -11.12
N ALA A 258 -11.28 5.85 -9.90
CA ALA A 258 -12.07 4.64 -9.57
C ALA A 258 -13.56 4.94 -9.56
N ARG A 259 -14.00 5.94 -8.76
CA ARG A 259 -15.43 6.30 -8.60
C ARG A 259 -15.96 6.86 -9.94
N ASP A 260 -15.20 7.71 -10.62
CA ASP A 260 -15.76 8.56 -11.72
C ASP A 260 -15.42 7.96 -13.08
N GLY A 261 -14.45 7.05 -13.15
CA GLY A 261 -13.94 6.47 -14.39
C GLY A 261 -14.15 4.98 -14.48
N VAL A 262 -13.36 4.21 -13.74
CA VAL A 262 -13.36 2.72 -13.83
C VAL A 262 -14.79 2.20 -13.58
N LEU A 263 -15.39 2.57 -12.46
CA LEU A 263 -16.65 1.93 -12.00
C LEU A 263 -17.83 2.58 -12.72
N LYS A 264 -17.69 3.83 -13.15
CA LYS A 264 -18.72 4.53 -13.97
C LYS A 264 -18.76 3.90 -15.36
N ASN A 265 -17.62 3.59 -15.97
CA ASN A 265 -17.56 3.30 -17.42
C ASN A 265 -17.42 1.81 -17.67
N ALA A 266 -16.83 1.05 -16.74
CA ALA A 266 -16.46 -0.35 -16.99
C ALA A 266 -16.75 -1.25 -15.78
N GLY A 267 -17.68 -0.88 -14.92
CA GLY A 267 -18.03 -1.66 -13.70
C GLY A 267 -18.32 -3.13 -14.00
N PRO A 268 -19.33 -3.46 -14.83
CA PRO A 268 -19.62 -4.88 -15.10
C PRO A 268 -18.42 -5.62 -15.70
N GLU A 269 -17.67 -4.97 -16.60
CA GLU A 269 -16.52 -5.63 -17.26
C GLU A 269 -15.43 -5.87 -16.22
N LEU A 270 -15.15 -4.90 -15.34
CA LEU A 270 -14.07 -5.13 -14.35
C LEU A 270 -14.53 -6.17 -13.31
N ARG A 271 -15.74 -6.06 -12.79
CA ARG A 271 -16.27 -7.06 -11.82
C ARG A 271 -16.21 -8.47 -12.41
N ARG A 272 -16.39 -8.60 -13.73
CA ARG A 272 -16.33 -9.93 -14.40
C ARG A 272 -14.90 -10.46 -14.36
N VAL A 273 -13.88 -9.60 -14.49
CA VAL A 273 -12.45 -10.01 -14.34
C VAL A 273 -12.15 -10.33 -12.87
N ALA A 274 -12.56 -9.43 -11.98
CA ALA A 274 -12.30 -9.52 -10.53
C ALA A 274 -12.88 -10.83 -9.96
N ALA A 275 -14.03 -11.27 -10.47
CA ALA A 275 -14.73 -12.51 -10.08
C ALA A 275 -13.90 -13.76 -10.40
N ARG A 276 -12.89 -13.66 -11.28
CA ARG A 276 -12.01 -14.80 -11.63
C ARG A 276 -10.78 -14.83 -10.74
N TYR A 277 -10.51 -13.80 -9.93
CA TYR A 277 -9.40 -13.91 -8.95
C TYR A 277 -9.97 -14.64 -7.73
N ARG A 278 -9.94 -15.98 -7.79
CA ARG A 278 -10.37 -16.92 -6.70
C ARG A 278 -9.14 -17.74 -6.33
N VAL A 279 -8.74 -17.69 -5.05
CA VAL A 279 -7.43 -18.21 -4.58
C VAL A 279 -7.68 -19.56 -3.91
N ASP A 280 -6.76 -20.49 -4.13
CA ASP A 280 -6.92 -21.90 -3.66
C ASP A 280 -6.41 -21.97 -2.21
N PRO A 281 -7.29 -22.25 -1.22
CA PRO A 281 -6.88 -22.34 0.19
C PRO A 281 -5.71 -23.31 0.45
N ASN A 282 -5.57 -24.32 -0.42
CA ASN A 282 -4.57 -25.40 -0.26
C ASN A 282 -3.26 -25.01 -0.94
N ASP A 283 -3.18 -23.84 -1.60
CA ASP A 283 -1.99 -23.44 -2.37
C ASP A 283 -1.56 -22.02 -2.00
N LEU A 284 -1.45 -21.64 -0.70
CA LEU A 284 -1.33 -20.22 -0.31
C LEU A 284 0.11 -19.75 -0.39
N GLU A 285 1.11 -20.61 -0.23
CA GLU A 285 2.50 -20.10 -0.24
C GLU A 285 2.77 -19.56 -1.66
N ARG A 286 2.38 -20.35 -2.66
CA ARG A 286 2.59 -19.95 -4.08
C ARG A 286 1.62 -18.80 -4.40
N ALA A 287 0.37 -18.91 -4.01
CA ALA A 287 -0.69 -17.93 -4.38
C ALA A 287 -0.36 -16.55 -3.77
N THR A 288 0.30 -16.52 -2.63
CA THR A 288 0.75 -15.27 -1.95
C THR A 288 1.93 -14.69 -2.74
N ALA A 289 2.92 -15.52 -3.04
CA ALA A 289 4.10 -15.12 -3.84
C ALA A 289 3.67 -14.63 -5.22
N GLU A 290 2.61 -15.21 -5.79
CA GLU A 290 2.13 -14.87 -7.16
C GLU A 290 1.49 -13.46 -7.13
N LEU A 291 0.70 -13.14 -6.11
CA LEU A 291 0.08 -11.81 -5.98
C LEU A 291 1.19 -10.76 -5.87
N GLN A 292 2.27 -11.06 -5.13
CA GLN A 292 3.45 -10.19 -4.91
C GLN A 292 4.23 -10.02 -6.20
N ASN A 293 4.37 -11.07 -6.99
CA ASN A 293 5.06 -10.99 -8.29
C ASN A 293 4.25 -10.10 -9.23
N ALA A 294 2.95 -10.38 -9.32
CA ALA A 294 1.97 -9.68 -10.15
C ALA A 294 1.99 -8.16 -9.83
N ALA A 295 2.14 -7.76 -8.56
CA ALA A 295 2.29 -6.31 -8.20
C ALA A 295 3.56 -5.76 -8.83
N VAL A 296 4.70 -6.44 -8.75
CA VAL A 296 5.94 -5.98 -9.43
C VAL A 296 5.73 -5.96 -10.96
N TYR A 297 5.00 -6.92 -11.50
CA TYR A 297 4.71 -7.01 -12.95
C TYR A 297 3.98 -5.76 -13.40
N LEU A 298 2.86 -5.44 -12.78
CA LEU A 298 2.03 -4.35 -13.34
C LEU A 298 2.70 -2.99 -13.06
N THR A 299 3.50 -2.90 -11.99
CA THR A 299 4.12 -1.63 -11.52
C THR A 299 5.45 -1.36 -12.23
N ALA A 300 6.46 -2.19 -11.98
CA ALA A 300 7.78 -2.13 -12.63
C ALA A 300 7.61 -2.34 -14.15
N GLY A 301 6.56 -3.02 -14.59
CA GLY A 301 6.34 -3.26 -16.04
C GLY A 301 5.85 -2.03 -16.79
N ALA A 302 5.32 -1.03 -16.07
CA ALA A 302 4.54 0.07 -16.67
C ALA A 302 5.52 1.12 -17.21
N GLN A 303 6.35 0.73 -18.16
CA GLN A 303 7.45 1.54 -18.76
C GLN A 303 7.14 1.90 -20.21
N ARG A 304 7.81 2.93 -20.73
CA ARG A 304 7.59 3.43 -22.10
C ARG A 304 8.91 3.86 -22.78
N PRO A 305 9.46 3.03 -23.69
CA PRO A 305 10.54 3.47 -24.57
C PRO A 305 10.04 4.69 -25.32
N PRO A 306 10.87 5.72 -25.55
CA PRO A 306 12.30 5.73 -25.19
C PRO A 306 12.68 6.37 -23.84
N HIS A 307 11.72 6.52 -22.94
CA HIS A 307 11.92 7.28 -21.68
C HIS A 307 12.74 6.49 -20.65
N ILE A 308 13.28 7.20 -19.65
CA ILE A 308 13.88 6.55 -18.45
C ILE A 308 12.79 5.72 -17.78
N CYS A 309 13.19 4.66 -17.09
CA CYS A 309 12.26 3.96 -16.18
C CYS A 309 11.77 4.93 -15.11
N ALA A 310 10.47 4.91 -14.90
CA ALA A 310 9.76 5.71 -13.89
C ALA A 310 8.66 4.82 -13.30
N PHE A 311 8.29 5.06 -12.05
CA PHE A 311 7.29 4.28 -11.29
C PHE A 311 6.07 5.15 -11.05
N ASP A 312 4.92 4.52 -11.18
CA ASP A 312 3.61 5.20 -11.06
C ASP A 312 3.25 5.31 -9.59
N PHE A 313 2.91 6.52 -9.15
CA PHE A 313 2.56 6.84 -7.74
C PHE A 313 1.41 5.94 -7.25
N PHE A 314 0.39 5.74 -8.08
CA PHE A 314 -0.81 4.96 -7.70
C PHE A 314 -0.48 3.47 -7.85
N LEU A 315 0.14 3.03 -8.94
CA LEU A 315 0.40 1.58 -9.11
C LEU A 315 1.33 1.07 -8.00
N LEU A 316 2.25 1.87 -7.46
CA LEU A 316 3.23 1.32 -6.51
C LEU A 316 2.62 0.97 -5.16
N HIS A 317 1.42 1.44 -4.85
CA HIS A 317 0.70 1.00 -3.64
C HIS A 317 0.31 -0.50 -3.76
N SER A 318 0.28 -1.07 -4.96
CA SER A 318 0.11 -2.54 -5.14
C SER A 318 1.33 -3.27 -4.55
N VAL A 319 2.51 -2.88 -4.94
CA VAL A 319 3.77 -3.46 -4.42
C VAL A 319 3.83 -3.26 -2.89
N THR A 320 3.61 -2.06 -2.36
CA THR A 320 3.83 -1.81 -0.92
C THR A 320 2.72 -2.47 -0.09
N SER A 321 1.51 -2.61 -0.58
CA SER A 321 0.43 -3.29 0.16
C SER A 321 0.67 -4.80 0.21
N SER A 322 1.43 -5.33 -0.76
CA SER A 322 1.55 -6.78 -1.09
C SER A 322 2.33 -7.54 0.00
N ILE A 323 3.30 -6.90 0.63
CA ILE A 323 4.19 -7.46 1.68
C ILE A 323 3.37 -8.04 2.84
N GLY A 324 2.22 -7.46 3.17
CA GLY A 324 1.41 -7.79 4.36
C GLY A 324 0.89 -9.23 4.29
N HIS A 325 0.67 -9.74 3.08
CA HIS A 325 0.12 -11.11 2.87
C HIS A 325 1.16 -12.16 3.30
N THR A 326 2.44 -11.82 3.38
CA THR A 326 3.47 -12.74 3.88
C THR A 326 3.21 -12.90 5.38
N MET A 327 2.82 -11.83 6.08
CA MET A 327 2.47 -11.91 7.51
C MET A 327 1.14 -12.62 7.70
N PHE A 328 0.14 -12.38 6.84
CA PHE A 328 -1.16 -13.05 6.96
C PHE A 328 -0.96 -14.55 6.75
N LEU A 329 -0.03 -14.92 5.88
CA LEU A 329 0.23 -16.34 5.51
C LEU A 329 0.84 -17.01 6.74
N ALA A 330 1.71 -16.30 7.47
CA ALA A 330 2.53 -16.85 8.58
C ALA A 330 1.69 -16.90 9.87
N GLU A 331 0.45 -16.38 9.85
CA GLU A 331 -0.40 -16.21 11.05
C GLU A 331 -1.18 -17.49 11.32
N PRO A 332 -0.90 -18.21 12.44
CA PRO A 332 -1.63 -19.44 12.77
C PRO A 332 -3.13 -19.29 12.99
N SER A 333 -3.58 -18.12 13.50
CA SER A 333 -4.97 -17.89 14.00
C SER A 333 -5.94 -17.69 12.85
N LEU A 334 -5.42 -17.43 11.64
CA LEU A 334 -6.28 -17.26 10.44
C LEU A 334 -6.45 -18.62 9.76
N SER A 335 -7.66 -18.98 9.36
CA SER A 335 -7.89 -20.19 8.56
C SER A 335 -7.27 -20.01 7.16
N ASN A 336 -7.07 -21.12 6.44
CA ASN A 336 -6.58 -21.06 5.04
C ASN A 336 -7.61 -20.27 4.24
N ALA A 337 -8.90 -20.52 4.46
CA ALA A 337 -9.99 -19.82 3.76
C ALA A 337 -9.95 -18.30 4.04
N GLN A 338 -9.68 -17.88 5.28
CA GLN A 338 -9.61 -16.43 5.63
C GLN A 338 -8.43 -15.81 4.87
N LYS A 339 -7.28 -16.50 4.88
CA LYS A 339 -6.04 -16.06 4.21
C LYS A 339 -6.31 -15.89 2.70
N ALA A 340 -7.13 -16.78 2.12
CA ALA A 340 -7.46 -16.81 0.67
C ALA A 340 -8.29 -15.57 0.32
N ARG A 341 -9.34 -15.32 1.10
CA ARG A 341 -10.27 -14.16 0.99
C ARG A 341 -9.52 -12.83 1.08
N LEU A 342 -8.65 -12.64 2.07
CA LEU A 342 -7.75 -11.46 2.15
C LEU A 342 -6.99 -11.28 0.80
N LEU A 343 -6.30 -12.31 0.30
CA LEU A 343 -5.56 -12.29 -0.99
C LEU A 343 -6.51 -11.85 -2.10
N GLU A 344 -7.72 -12.41 -2.16
CA GLU A 344 -8.70 -12.11 -3.22
C GLU A 344 -9.04 -10.61 -3.21
N TYR A 345 -9.47 -10.05 -2.08
CA TYR A 345 -9.74 -8.61 -1.89
C TYR A 345 -8.54 -7.81 -2.40
N THR A 346 -7.30 -8.05 -1.93
CA THR A 346 -6.10 -7.28 -2.36
C THR A 346 -6.00 -7.30 -3.90
N GLY A 347 -6.04 -8.48 -4.51
CA GLY A 347 -5.93 -8.67 -5.97
C GLY A 347 -6.98 -7.88 -6.72
N ARG A 348 -8.22 -7.91 -6.26
CA ARG A 348 -9.33 -7.19 -6.93
C ARG A 348 -9.09 -5.68 -6.86
N VAL A 349 -8.46 -5.21 -5.79
CA VAL A 349 -8.15 -3.76 -5.70
C VAL A 349 -7.03 -3.43 -6.68
N PHE A 350 -6.02 -4.30 -6.83
CA PHE A 350 -4.89 -4.13 -7.76
C PHE A 350 -5.46 -3.90 -9.17
N LEU A 351 -6.48 -4.66 -9.55
CA LEU A 351 -7.11 -4.58 -10.90
C LEU A 351 -7.82 -3.23 -11.04
N LEU A 352 -8.54 -2.78 -10.00
CA LEU A 352 -9.25 -1.48 -10.02
C LEU A 352 -8.23 -0.34 -10.17
N SER A 353 -7.13 -0.41 -9.42
CA SER A 353 -6.07 0.64 -9.45
C SER A 353 -5.42 0.66 -10.85
N TYR A 354 -5.07 -0.49 -11.39
CA TYR A 354 -4.41 -0.66 -12.71
C TYR A 354 -5.28 -0.06 -13.82
N ALA A 355 -6.58 -0.38 -13.81
CA ALA A 355 -7.53 0.17 -14.80
C ALA A 355 -7.57 1.72 -14.71
N GLY A 356 -7.54 2.27 -13.50
CA GLY A 356 -7.60 3.72 -13.25
C GLY A 356 -6.45 4.47 -13.86
N GLN A 357 -5.28 3.85 -13.95
CA GLN A 357 -4.06 4.46 -14.50
C GLN A 357 -3.89 4.12 -16.00
N GLY A 358 -4.94 3.69 -16.70
CA GLY A 358 -4.89 3.40 -18.15
C GLY A 358 -4.37 2.02 -18.48
N SER A 359 -4.35 1.08 -17.53
CA SER A 359 -3.90 -0.31 -17.79
C SER A 359 -2.62 -0.37 -18.62
N PRO A 360 -1.47 0.20 -18.20
CA PRO A 360 -0.28 0.20 -19.05
C PRO A 360 0.16 -1.22 -19.44
N GLU A 361 0.46 -1.42 -20.72
CA GLU A 361 0.95 -2.73 -21.26
C GLU A 361 2.36 -2.92 -20.70
N PRO A 362 2.65 -4.04 -20.02
CA PRO A 362 3.99 -4.25 -19.44
C PRO A 362 5.08 -4.26 -20.51
N ARG A 363 6.19 -3.57 -20.25
CA ARG A 363 7.40 -3.60 -21.10
C ARG A 363 8.60 -4.03 -20.24
N LEU A 364 8.64 -5.32 -19.89
CA LEU A 364 9.70 -5.90 -19.04
C LEU A 364 11.02 -5.92 -19.82
N ASP A 365 10.94 -5.85 -21.14
CA ASP A 365 12.12 -5.81 -22.03
C ASP A 365 12.84 -4.47 -21.78
N TRP A 366 12.07 -3.40 -21.62
CA TRP A 366 12.64 -2.04 -21.46
C TRP A 366 13.16 -1.88 -20.02
N LEU A 367 12.39 -2.35 -19.05
CA LEU A 367 12.83 -2.40 -17.64
C LEU A 367 14.17 -3.13 -17.55
N ALA A 368 14.28 -4.31 -18.19
CA ALA A 368 15.46 -5.21 -18.07
C ALA A 368 16.71 -4.53 -18.62
N SER A 369 16.59 -3.68 -19.65
CA SER A 369 17.77 -3.01 -20.24
C SER A 369 18.10 -1.70 -19.50
N HIS A 370 17.56 -1.46 -18.30
CA HIS A 370 17.83 -0.19 -17.56
C HIS A 370 19.31 -0.08 -17.27
N PRO A 371 19.98 1.01 -17.69
CA PRO A 371 21.40 1.21 -17.38
C PRO A 371 21.60 1.78 -15.97
N SER A 372 22.34 1.06 -15.11
CA SER A 372 22.59 1.50 -13.71
C SER A 372 23.31 2.86 -13.74
N ARG A 373 22.80 3.88 -13.04
CA ARG A 373 23.51 5.18 -13.00
C ARG A 373 24.89 4.90 -12.39
N LEU A 374 24.94 4.09 -11.34
CA LEU A 374 26.19 3.85 -10.57
C LEU A 374 26.66 2.41 -10.79
N PRO A 375 27.98 2.14 -10.78
CA PRO A 375 28.48 0.76 -10.84
C PRO A 375 28.21 -0.08 -9.59
N ASN A 376 28.22 -1.41 -9.75
CA ASN A 376 28.29 -2.44 -8.68
C ASN A 376 27.17 -2.22 -7.65
N GLN A 377 25.92 -2.10 -8.08
CA GLN A 377 24.76 -1.90 -7.19
C GLN A 377 24.08 -3.25 -6.98
N GLY A 378 24.11 -3.74 -5.73
CA GLY A 378 23.26 -4.79 -5.18
C GLY A 378 22.24 -4.18 -4.26
N TRP A 379 21.36 -4.99 -3.71
CA TRP A 379 20.28 -4.55 -2.79
C TRP A 379 20.89 -3.75 -1.64
N ASP A 380 22.03 -4.16 -1.07
CA ASP A 380 22.62 -3.48 0.11
C ASP A 380 22.91 -2.03 -0.26
N GLU A 381 23.44 -1.78 -1.48
CA GLU A 381 23.80 -0.43 -1.96
C GLU A 381 22.50 0.38 -2.23
N VAL A 382 21.53 -0.26 -2.86
CA VAL A 382 20.20 0.34 -3.19
C VAL A 382 19.53 0.72 -1.88
N PHE A 383 19.49 -0.19 -0.90
CA PHE A 383 18.85 0.05 0.41
C PHE A 383 19.45 1.33 1.00
N ASP A 384 20.77 1.48 0.92
CA ASP A 384 21.45 2.58 1.63
C ASP A 384 21.09 3.89 0.94
N ARG A 385 21.03 3.88 -0.39
CA ARG A 385 20.65 5.10 -1.14
C ARG A 385 19.21 5.47 -0.80
N ALA A 386 18.34 4.49 -0.57
CA ALA A 386 16.90 4.71 -0.27
C ALA A 386 16.73 5.46 1.05
N CYS A 387 17.65 5.23 1.99
CA CYS A 387 17.73 5.92 3.29
C CYS A 387 17.83 7.44 3.10
N TYR A 388 18.54 7.91 2.08
CA TYR A 388 18.84 9.35 1.91
C TYR A 388 17.86 9.99 0.92
N HIS A 389 16.97 9.23 0.27
CA HIS A 389 15.98 9.77 -0.70
C HIS A 389 14.96 10.59 0.07
N GLU A 390 14.84 11.86 -0.29
CA GLU A 390 14.10 12.86 0.53
C GLU A 390 12.64 12.99 0.05
N ASP A 391 11.86 11.91 0.13
CA ASP A 391 10.38 11.97 -0.01
C ASP A 391 9.71 11.62 1.32
N ASP A 392 8.49 11.11 1.26
CA ASP A 392 7.64 10.80 2.42
C ASP A 392 7.68 9.30 2.67
N GLY A 393 8.53 8.59 1.95
CA GLY A 393 8.79 7.15 2.16
C GLY A 393 8.34 6.25 1.02
N HIS A 394 7.62 6.74 -0.01
CA HIS A 394 7.14 5.85 -1.11
C HIS A 394 8.32 5.14 -1.77
N MET A 395 9.40 5.83 -2.06
CA MET A 395 10.52 5.25 -2.80
C MET A 395 11.15 4.09 -2.00
N CYS A 396 11.40 4.27 -0.71
CA CYS A 396 12.09 3.23 0.10
C CYS A 396 11.15 2.06 0.34
N KCX A 397 9.84 2.29 0.46
CA KCX A 397 8.89 1.20 0.65
CB KCX A 397 7.48 1.67 1.06
CG KCX A 397 7.38 2.37 2.40
CD KCX A 397 6.14 3.23 2.56
CE KCX A 397 4.83 2.47 2.35
NZ KCX A 397 3.70 3.38 2.15
C KCX A 397 8.76 0.37 -0.63
O KCX A 397 8.62 -0.86 -0.54
CX KCX A 397 2.95 3.41 1.00
OQ1 KCX A 397 1.85 4.17 1.05
OQ2 KCX A 397 3.21 2.79 0.00
N LEU A 398 8.69 1.05 -1.78
CA LEU A 398 8.68 0.39 -3.08
C LEU A 398 9.89 -0.54 -3.20
N ILE A 399 11.10 -0.02 -2.92
CA ILE A 399 12.38 -0.79 -3.07
C ILE A 399 12.37 -1.96 -2.08
N ARG A 400 12.07 -1.74 -0.81
CA ARG A 400 12.10 -2.83 0.22
C ARG A 400 11.04 -3.89 -0.14
N CYS A 401 9.90 -3.49 -0.68
CA CYS A 401 8.79 -4.46 -0.91
C CYS A 401 9.11 -5.29 -2.18
N MET A 402 9.81 -4.71 -3.15
CA MET A 402 10.25 -5.42 -4.38
C MET A 402 11.34 -6.43 -4.00
N ALA A 403 12.23 -6.08 -3.07
CA ALA A 403 13.31 -7.00 -2.61
C ALA A 403 12.68 -8.19 -1.89
N HIS A 404 11.57 -7.98 -1.19
CA HIS A 404 10.82 -9.05 -0.52
C HIS A 404 10.18 -9.95 -1.57
N ALA A 405 9.59 -9.39 -2.63
CA ALA A 405 8.89 -10.19 -3.65
C ALA A 405 9.91 -11.09 -4.37
N GLU A 406 11.11 -10.58 -4.60
CA GLU A 406 12.18 -11.35 -5.25
C GLU A 406 12.40 -12.64 -4.46
N GLU A 407 12.44 -12.54 -3.13
CA GLU A 407 12.63 -13.71 -2.23
C GLU A 407 11.40 -14.61 -2.23
N THR A 408 10.17 -14.09 -2.24
CA THR A 408 9.00 -15.00 -2.15
C THR A 408 8.78 -15.66 -3.52
N SER A 409 9.31 -15.07 -4.58
CA SER A 409 9.23 -15.59 -5.97
C SER A 409 10.31 -16.67 -6.23
N ARG A 410 11.45 -16.70 -5.54
CA ARG A 410 12.63 -17.54 -5.92
C ARG A 410 12.20 -19.00 -6.08
N PRO A 411 11.46 -19.61 -5.13
CA PRO A 411 10.95 -20.97 -5.31
C PRO A 411 10.08 -21.21 -6.56
N TYR A 412 9.52 -20.17 -7.17
CA TYR A 412 8.50 -20.33 -8.24
C TYR A 412 9.00 -19.69 -9.55
N ASP A 413 10.28 -19.34 -9.61
CA ASP A 413 10.89 -18.60 -10.75
C ASP A 413 10.67 -19.32 -12.10
N HIS A 414 10.45 -20.64 -12.11
CA HIS A 414 10.26 -21.47 -13.33
C HIS A 414 8.80 -21.45 -13.76
N LEU A 415 7.88 -20.93 -12.95
CA LEU A 415 6.44 -21.01 -13.31
C LEU A 415 6.03 -19.82 -14.19
N PRO A 416 5.21 -20.05 -15.26
CA PRO A 416 4.88 -19.00 -16.21
C PRO A 416 4.03 -17.89 -15.61
N GLU A 417 3.26 -18.15 -14.55
CA GLU A 417 2.36 -17.10 -13.96
C GLU A 417 3.18 -16.07 -13.16
N PHE A 418 4.44 -16.40 -12.86
CA PHE A 418 5.46 -15.51 -12.25
C PHE A 418 6.19 -14.77 -13.40
N ARG A 419 5.66 -13.63 -13.83
CA ARG A 419 6.17 -12.90 -15.02
C ARG A 419 7.53 -12.26 -14.73
N VAL A 420 7.75 -11.80 -13.51
CA VAL A 420 9.05 -11.17 -13.15
C VAL A 420 9.95 -12.27 -12.64
N LYS A 421 11.05 -12.50 -13.36
CA LYS A 421 12.09 -13.53 -13.09
C LYS A 421 13.18 -12.91 -12.21
N GLN A 422 13.97 -13.76 -11.57
CA GLN A 422 14.76 -13.41 -10.37
C GLN A 422 15.63 -12.17 -10.58
N GLY A 423 16.31 -12.06 -11.71
CA GLY A 423 17.28 -10.96 -11.93
C GLY A 423 16.58 -9.60 -12.14
N LEU A 424 15.34 -9.61 -12.61
CA LEU A 424 14.63 -8.33 -12.94
C LEU A 424 14.32 -7.55 -11.65
N PHE A 425 14.21 -8.20 -10.47
CA PHE A 425 13.80 -7.51 -9.22
C PHE A 425 14.88 -6.47 -8.87
N LEU A 426 16.17 -6.84 -8.80
CA LEU A 426 17.24 -5.86 -8.51
C LEU A 426 17.28 -4.77 -9.61
N THR A 427 17.16 -5.13 -10.88
CA THR A 427 17.10 -4.15 -11.99
C THR A 427 15.98 -3.12 -11.72
N ALA A 428 14.81 -3.57 -11.27
CA ALA A 428 13.65 -2.72 -10.96
C ALA A 428 13.99 -1.82 -9.75
N GLY A 429 14.75 -2.34 -8.78
CA GLY A 429 15.18 -1.57 -7.59
C GLY A 429 16.13 -0.47 -7.97
N ILE A 430 17.08 -0.77 -8.87
CA ILE A 430 18.07 0.19 -9.39
C ILE A 430 17.31 1.23 -10.23
N ALA A 431 16.34 0.82 -11.03
CA ALA A 431 15.57 1.75 -11.89
C ALA A 431 14.78 2.72 -11.00
N ALA A 432 14.19 2.25 -9.89
CA ALA A 432 13.44 3.08 -8.93
C ALA A 432 14.38 4.13 -8.32
N ILE A 433 15.46 3.71 -7.67
CA ILE A 433 16.37 4.68 -7.00
C ILE A 433 17.01 5.60 -8.05
N ASP A 434 17.32 5.11 -9.24
CA ASP A 434 17.89 5.92 -10.33
C ASP A 434 16.90 6.98 -10.85
N SER A 435 15.59 6.77 -10.75
CA SER A 435 14.58 7.78 -11.18
C SER A 435 14.50 8.92 -10.16
N GLY A 436 14.95 8.68 -8.93
CA GLY A 436 15.02 9.67 -7.82
C GLY A 436 15.88 10.87 -8.15
N THR A 437 15.46 12.07 -7.71
CA THR A 437 16.20 13.34 -7.97
C THR A 437 16.62 13.95 -6.63
N ASP A 438 17.32 15.08 -6.67
CA ASP A 438 17.75 15.83 -5.46
C ASP A 438 16.58 16.54 -4.79
N LYS A 439 15.43 16.76 -5.45
CA LYS A 439 14.25 17.34 -4.76
C LYS A 439 12.99 16.61 -5.22
N PRO A 440 12.69 15.45 -4.61
CA PRO A 440 11.56 14.63 -5.04
C PRO A 440 10.19 15.17 -4.68
N MET A 441 10.12 16.04 -3.66
CA MET A 441 8.83 16.58 -3.20
C MET A 441 8.91 18.10 -3.02
N ASP A 442 7.75 18.74 -2.97
CA ASP A 442 7.61 20.12 -2.45
C ASP A 442 6.41 20.11 -1.53
N GLY A 443 6.63 20.24 -0.23
CA GLY A 443 5.59 19.90 0.74
C GLY A 443 5.04 18.50 0.41
N THR A 444 3.73 18.36 0.14
CA THR A 444 3.04 17.08 -0.13
C THR A 444 3.03 16.72 -1.62
N LYS A 445 3.58 17.54 -2.49
CA LYS A 445 3.60 17.26 -3.93
C LYS A 445 4.80 16.39 -4.30
N HIS A 446 4.55 15.33 -5.06
CA HIS A 446 5.58 14.39 -5.55
C HIS A 446 5.95 14.77 -6.96
N PHE A 447 7.22 14.69 -7.31
CA PHE A 447 7.72 14.93 -8.67
C PHE A 447 8.42 13.72 -9.30
N ASP A 448 8.92 12.76 -8.51
CA ASP A 448 9.79 11.69 -9.11
C ASP A 448 8.92 10.55 -9.65
N PHE A 449 7.65 10.45 -9.25
CA PHE A 449 6.75 9.37 -9.71
C PHE A 449 5.87 9.88 -10.85
N ILE A 450 5.62 9.01 -11.82
CA ILE A 450 4.68 9.35 -12.92
C ILE A 450 3.24 9.17 -12.39
N ARG A 451 2.31 9.91 -12.97
CA ARG A 451 0.88 9.75 -12.68
C ARG A 451 0.21 9.52 -14.03
N GLY A 452 -0.42 8.36 -14.20
CA GLY A 452 -1.13 8.02 -15.45
C GLY A 452 -0.21 7.33 -16.41
N SER A 453 0.66 6.42 -15.92
CA SER A 453 1.65 5.69 -16.75
C SER A 453 1.01 5.05 -17.99
N GLY A 454 -0.27 4.71 -17.96
CA GLY A 454 -0.94 4.10 -19.13
C GLY A 454 -1.26 5.09 -20.25
N PHE A 455 -1.03 6.39 -20.05
CA PHE A 455 -1.33 7.47 -21.02
C PHE A 455 -0.01 8.07 -21.51
N LYS A 456 0.14 8.10 -22.83
CA LYS A 456 1.43 8.43 -23.50
C LYS A 456 1.88 9.81 -23.05
N GLU A 457 0.95 10.74 -22.86
CA GLU A 457 1.20 12.16 -22.55
C GLU A 457 1.84 12.27 -21.15
N ALA A 458 1.57 11.33 -20.24
CA ALA A 458 2.10 11.41 -18.86
C ALA A 458 3.64 11.44 -18.93
N TRP A 459 4.21 10.86 -19.96
CA TRP A 459 5.66 10.58 -20.06
C TRP A 459 6.39 11.83 -20.60
N GLU A 460 5.66 12.85 -21.06
CA GLU A 460 6.28 14.02 -21.76
C GLU A 460 7.33 14.68 -20.86
N ARG A 461 7.10 14.87 -19.56
CA ARG A 461 8.08 15.56 -18.66
C ARG A 461 9.18 14.61 -18.14
N PHE A 462 9.29 13.40 -18.66
CA PHE A 462 10.30 12.40 -18.22
C PHE A 462 11.41 12.39 -19.26
N PRO A 463 12.70 12.53 -18.83
CA PRO A 463 13.81 12.50 -19.78
C PRO A 463 13.89 11.19 -20.57
N LEU A 464 14.51 11.27 -21.72
CA LEU A 464 14.87 10.11 -22.57
C LEU A 464 16.06 9.39 -21.94
N ARG A 465 16.11 8.07 -22.07
CA ARG A 465 17.25 7.26 -21.60
C ARG A 465 18.44 7.59 -22.52
N THR A 466 19.60 7.87 -21.93
CA THR A 466 20.83 8.28 -22.67
C THR A 466 21.45 7.03 -23.28
CAJ A1D7Z B . -3.45 9.59 -1.36
CAA A1D7Z B . -2.35 10.45 -1.50
CAB A1D7Z B . -2.17 11.30 -2.60
CAI A1D7Z B . -3.10 11.36 -3.70
CAC A1D7Z B . -1.04 12.14 -2.59
OAH A1D7Z B . -0.87 12.92 -3.69
CAD A1D7Z B . -0.08 12.17 -1.56
CAK A1D7Z B . 1.04 13.02 -1.56
CAE A1D7Z B . -0.28 11.36 -0.43
CAF A1D7Z B . -1.40 10.50 -0.46
OAG A1D7Z B . -1.64 9.68 0.54
FE FE C . 1.02 6.03 0.09
C ACT D . -15.11 -17.61 9.01
O ACT D . -14.16 -17.79 8.23
OXT ACT D . -16.27 -17.54 8.66
CH3 ACT D . -14.82 -17.46 10.50
C1 PEG E . -17.59 -16.80 5.94
O1 PEG E . -18.26 -16.51 7.15
C2 PEG E . -16.90 -15.60 5.38
O2 PEG E . -17.86 -14.75 4.76
C3 PEG E . -18.07 -15.05 3.38
C4 PEG E . -19.42 -14.53 2.94
O4 PEG E . -19.32 -13.62 1.85
C1 PEG F . -8.05 -22.15 13.14
O1 PEG F . -8.06 -23.01 12.02
C2 PEG F . -8.59 -20.77 12.82
O2 PEG F . -9.96 -20.87 12.45
C3 PEG F . -10.65 -19.62 12.39
C4 PEG F . -12.12 -19.83 12.68
O4 PEG F . -12.90 -19.98 11.50
C FMT G . -18.07 -7.48 2.41
O1 FMT G . -18.93 -6.61 2.46
O2 FMT G . -16.92 -7.49 3.05
C FMT H . -4.14 -23.25 -7.93
O1 FMT H . -4.36 -22.06 -7.92
O2 FMT H . -3.61 -23.92 -6.95
C1 GOL I . 25.17 -8.49 -9.11
O1 GOL I . 23.79 -8.79 -9.14
C2 GOL I . 25.45 -7.24 -8.29
O2 GOL I . 25.22 -7.52 -6.91
C3 GOL I . 26.85 -6.69 -8.49
O3 GOL I . 27.25 -5.83 -7.43
#